data_7B41
#
_entry.id   7B41
#
_cell.length_a   111.670
_cell.length_b   42.620
_cell.length_c   86.440
_cell.angle_alpha   90.000
_cell.angle_beta   122.070
_cell.angle_gamma   90.000
#
_symmetry.space_group_name_H-M   'C 1 2 1'
#
loop_
_entity.id
_entity.type
_entity.pdbx_description
1 polymer 'Hepatocyte growth factor receptor'
2 non-polymer 3-[(2-fluorophenyl)methyl]-5-(1-piperidin-4-ylpyrazol-4-yl)-1~{H}-pyrrolo[2,3-b]pyridine
3 water water
#
_entity_poly.entity_id   1
_entity_poly.type   'polypeptide(L)'
_entity_poly.pdbx_seq_one_letter_code
;GNTVHIDLSALNPELVQAVQHVVIGPSSLIVHFNEVIGRGHFGCVYHGTLLDNDGKKIHCAVKSLNRITDIGEVSQFLTE
GIIMKDFSHPNVLSLLGICLRSEGSPLVVLPYMKHGDLRNFIRNETHNPTVKDLIGFGLQVAKGMKYLASKKFVHRDLAA
RNCMLDEKFTVKVADFGLARDMYDKEYYSVHNKTGAKLPVKWMALESLQTQKFTTKSDVWSFGVLLWELMTRGAPPYPDV
NTFDITVYLLQGRRLLQPEYCPDPLYEVMLKCWHPKAEMRPSFSELVSRISAIFSTFIG
;
_entity_poly.pdbx_strand_id   A
#
loop_
_chem_comp.id
_chem_comp.type
_chem_comp.name
_chem_comp.formula
SWK non-polymer 3-[(2-fluorophenyl)methyl]-5-(1-piperidin-4-ylpyrazol-4-yl)-1~{H}-pyrrolo[2,3-b]pyridine 'C22 H22 F N5'
#
# COMPACT_ATOMS: atom_id res chain seq x y z
N LEU A 8 0.70 -26.35 -16.73
CA LEU A 8 1.90 -26.02 -15.96
C LEU A 8 3.19 -26.49 -16.65
N SER A 9 3.12 -27.67 -17.31
CA SER A 9 4.22 -28.24 -18.10
C SER A 9 4.35 -27.44 -19.41
N ALA A 10 3.24 -26.78 -19.80
CA ALA A 10 3.09 -25.92 -20.98
C ALA A 10 3.89 -24.60 -20.88
N LEU A 11 4.34 -24.22 -19.67
CA LEU A 11 5.11 -22.99 -19.43
C LEU A 11 6.56 -23.14 -19.88
N ASN A 12 7.16 -22.04 -20.37
CA ASN A 12 8.54 -22.02 -20.82
C ASN A 12 9.53 -22.49 -19.73
N PRO A 13 10.42 -23.46 -20.03
CA PRO A 13 11.36 -23.96 -19.01
C PRO A 13 12.32 -22.93 -18.42
N GLU A 14 12.89 -22.01 -19.23
CA GLU A 14 13.79 -21.02 -18.62
C GLU A 14 13.00 -19.97 -17.81
N LEU A 15 11.70 -19.80 -18.09
CA LEU A 15 10.82 -18.93 -17.31
C LEU A 15 10.47 -19.61 -15.95
N VAL A 16 10.26 -20.96 -15.97
CA VAL A 16 9.94 -21.77 -14.80
C VAL A 16 11.16 -21.76 -13.87
N GLN A 17 12.36 -21.84 -14.44
CA GLN A 17 13.61 -21.80 -13.70
C GLN A 17 13.80 -20.41 -13.09
N ALA A 18 13.36 -19.34 -13.79
CA ALA A 18 13.47 -17.97 -13.27
C ALA A 18 12.51 -17.71 -12.07
N VAL A 19 11.35 -18.38 -12.03
CA VAL A 19 10.36 -18.14 -10.97
C VAL A 19 10.56 -19.06 -9.74
N GLN A 20 11.45 -20.06 -9.83
CA GLN A 20 11.67 -21.03 -8.76
C GLN A 20 11.90 -20.42 -7.38
N HIS A 21 12.70 -19.34 -7.28
CA HIS A 21 13.02 -18.67 -6.03
C HIS A 21 11.80 -17.93 -5.42
N VAL A 22 10.69 -17.79 -6.17
CA VAL A 22 9.44 -17.13 -5.75
C VAL A 22 8.38 -18.18 -5.37
N VAL A 23 8.52 -19.40 -5.90
CA VAL A 23 7.51 -20.44 -5.75
C VAL A 23 7.59 -21.16 -4.39
N ILE A 24 6.42 -21.24 -3.73
CA ILE A 24 6.25 -21.99 -2.48
C ILE A 24 5.62 -23.33 -2.89
N GLY A 25 6.30 -24.42 -2.58
CA GLY A 25 5.80 -25.77 -2.86
C GLY A 25 4.59 -26.14 -2.01
N PRO A 26 3.68 -27.01 -2.53
CA PRO A 26 2.48 -27.38 -1.75
C PRO A 26 2.73 -28.00 -0.36
N SER A 27 3.92 -28.62 -0.14
CA SER A 27 4.24 -29.22 1.15
C SER A 27 4.77 -28.21 2.19
N SER A 28 4.98 -26.95 1.78
CA SER A 28 5.51 -25.88 2.62
C SER A 28 4.40 -24.96 3.13
N LEU A 29 3.17 -25.10 2.60
CA LEU A 29 2.06 -24.24 2.94
C LEU A 29 0.77 -24.95 3.28
N ILE A 30 0.16 -24.56 4.42
CA ILE A 30 -1.15 -25.03 4.85
C ILE A 30 -2.14 -23.84 4.66
N VAL A 31 -3.08 -23.97 3.74
CA VAL A 31 -4.09 -22.92 3.51
C VAL A 31 -5.36 -23.36 4.23
N HIS A 32 -5.93 -22.48 5.07
CA HIS A 32 -7.17 -22.80 5.76
C HIS A 32 -8.28 -22.11 4.95
N PHE A 33 -8.78 -22.80 3.89
CA PHE A 33 -9.81 -22.25 2.98
C PHE A 33 -11.19 -22.03 3.66
N ASN A 34 -11.33 -22.53 4.87
CA ASN A 34 -12.49 -22.41 5.74
C ASN A 34 -12.45 -21.15 6.61
N GLU A 35 -11.34 -20.39 6.61
CA GLU A 35 -11.31 -19.17 7.41
C GLU A 35 -10.76 -17.97 6.65
N VAL A 36 -11.62 -16.99 6.38
CA VAL A 36 -11.25 -15.74 5.71
C VAL A 36 -10.67 -14.74 6.69
N ILE A 37 -9.87 -13.83 6.17
CA ILE A 37 -9.34 -12.74 6.97
C ILE A 37 -10.15 -11.47 6.67
N GLY A 38 -10.44 -10.70 7.72
CA GLY A 38 -11.13 -9.43 7.65
C GLY A 38 -12.55 -9.43 7.15
N ARG A 39 -13.36 -10.39 7.66
CA ARG A 39 -14.80 -10.55 7.41
C ARG A 39 -15.28 -10.29 5.95
N GLY A 40 -14.50 -10.74 4.97
CA GLY A 40 -14.80 -10.58 3.55
C GLY A 40 -14.43 -9.26 2.89
N HIS A 41 -14.09 -8.22 3.71
CA HIS A 41 -13.72 -6.86 3.27
C HIS A 41 -12.54 -6.80 2.27
N PHE A 42 -11.67 -7.82 2.26
CA PHE A 42 -10.50 -7.88 1.38
C PHE A 42 -10.59 -8.99 0.31
N GLY A 43 -11.80 -9.46 0.06
CA GLY A 43 -12.05 -10.51 -0.93
C GLY A 43 -11.75 -11.91 -0.44
N CYS A 44 -11.29 -12.79 -1.34
CA CYS A 44 -11.01 -14.17 -0.98
C CYS A 44 -9.59 -14.34 -0.41
N VAL A 45 -9.41 -13.85 0.83
CA VAL A 45 -8.12 -13.91 1.51
C VAL A 45 -8.28 -14.76 2.77
N TYR A 46 -7.45 -15.80 2.85
CA TYR A 46 -7.49 -16.82 3.86
C TYR A 46 -6.29 -16.85 4.76
N HIS A 47 -6.48 -17.32 6.02
CA HIS A 47 -5.37 -17.56 6.91
C HIS A 47 -4.57 -18.73 6.33
N GLY A 48 -3.26 -18.66 6.46
CA GLY A 48 -2.36 -19.70 6.01
C GLY A 48 -1.18 -19.87 6.93
N THR A 49 -0.52 -21.01 6.83
CA THR A 49 0.68 -21.31 7.58
C THR A 49 1.75 -21.69 6.61
N LEU A 50 2.82 -20.91 6.58
CA LEU A 50 3.95 -21.14 5.73
C LEU A 50 5.07 -21.71 6.60
N LEU A 51 5.74 -22.74 6.11
CA LEU A 51 6.83 -23.40 6.83
C LEU A 51 8.11 -22.91 6.20
N ASP A 52 9.02 -22.35 6.99
CA ASP A 52 10.30 -21.93 6.39
C ASP A 52 11.24 -23.15 6.25
N ASN A 53 12.46 -22.94 5.73
CA ASN A 53 13.47 -23.99 5.53
C ASN A 53 13.89 -24.69 6.81
N ASP A 54 13.75 -24.02 7.95
CA ASP A 54 14.06 -24.55 9.28
C ASP A 54 12.77 -25.10 9.92
N GLY A 55 11.66 -25.08 9.17
CA GLY A 55 10.37 -25.55 9.64
C GLY A 55 9.65 -24.62 10.61
N LYS A 56 10.05 -23.32 10.69
CA LYS A 56 9.34 -22.37 11.55
C LYS A 56 7.99 -22.07 10.89
N LYS A 57 6.94 -21.96 11.69
CA LYS A 57 5.59 -21.67 11.21
C LYS A 57 5.34 -20.15 11.13
N ILE A 58 5.10 -19.64 9.92
CA ILE A 58 4.81 -18.25 9.60
C ILE A 58 3.30 -18.12 9.31
N HIS A 59 2.60 -17.29 10.12
CA HIS A 59 1.19 -17.00 9.90
C HIS A 59 1.16 -16.11 8.67
N CYS A 60 0.38 -16.47 7.67
CA CYS A 60 0.33 -15.68 6.45
C CYS A 60 -1.09 -15.48 5.92
N ALA A 61 -1.26 -14.52 5.01
CA ALA A 61 -2.54 -14.24 4.36
C ALA A 61 -2.41 -14.74 2.92
N VAL A 62 -3.34 -15.60 2.51
CA VAL A 62 -3.28 -16.29 1.24
C VAL A 62 -4.45 -15.83 0.38
N LYS A 63 -4.14 -15.32 -0.80
CA LYS A 63 -5.14 -14.85 -1.75
C LYS A 63 -5.14 -15.73 -2.99
N SER A 64 -6.32 -16.21 -3.37
CA SER A 64 -6.46 -17.03 -4.56
C SER A 64 -6.68 -16.06 -5.73
N LEU A 65 -5.83 -16.14 -6.76
CA LEU A 65 -5.93 -15.23 -7.90
C LEU A 65 -6.81 -15.82 -9.01
N ASN A 66 -8.13 -15.70 -8.78
CA ASN A 66 -9.22 -16.24 -9.60
C ASN A 66 -9.33 -15.61 -11.00
N ARG A 67 -8.80 -14.36 -11.17
CA ARG A 67 -8.77 -13.63 -12.46
C ARG A 67 -7.86 -14.31 -13.51
N ILE A 68 -6.97 -15.24 -13.07
CA ILE A 68 -6.04 -15.96 -13.93
C ILE A 68 -6.61 -17.34 -14.27
N THR A 69 -6.68 -17.64 -15.58
CA THR A 69 -7.22 -18.89 -16.13
C THR A 69 -6.22 -19.54 -17.11
N ASP A 70 -6.00 -18.89 -18.27
CA ASP A 70 -5.13 -19.33 -19.37
C ASP A 70 -3.62 -19.25 -19.07
N ILE A 71 -2.81 -19.99 -19.86
CA ILE A 71 -1.35 -20.10 -19.81
C ILE A 71 -0.65 -18.72 -19.90
N GLY A 72 -1.16 -17.83 -20.76
CA GLY A 72 -0.64 -16.49 -20.99
C GLY A 72 -0.64 -15.63 -19.75
N GLU A 73 -1.81 -15.55 -19.07
CA GLU A 73 -2.01 -14.79 -17.83
C GLU A 73 -1.17 -15.36 -16.67
N VAL A 74 -0.94 -16.71 -16.63
CA VAL A 74 -0.13 -17.40 -15.61
C VAL A 74 1.31 -16.89 -15.77
N SER A 75 1.83 -16.91 -17.03
CA SER A 75 3.16 -16.46 -17.41
C SER A 75 3.44 -15.02 -17.00
N GLN A 76 2.45 -14.10 -17.19
CA GLN A 76 2.60 -12.69 -16.80
C GLN A 76 2.65 -12.56 -15.27
N PHE A 77 1.77 -13.31 -14.58
CA PHE A 77 1.69 -13.32 -13.12
C PHE A 77 3.04 -13.80 -12.52
N LEU A 78 3.73 -14.75 -13.20
CA LEU A 78 5.03 -15.26 -12.80
C LEU A 78 6.09 -14.17 -12.83
N THR A 79 5.92 -13.21 -13.75
CA THR A 79 6.81 -12.07 -13.94
C THR A 79 6.57 -11.01 -12.90
N GLU A 80 5.31 -10.70 -12.59
CA GLU A 80 4.99 -9.73 -11.54
C GLU A 80 5.42 -10.32 -10.18
N GLY A 81 5.53 -11.64 -10.12
CA GLY A 81 6.02 -12.38 -8.96
C GLY A 81 7.51 -12.20 -8.78
N ILE A 82 8.28 -12.40 -9.87
CA ILE A 82 9.75 -12.26 -9.88
C ILE A 82 10.16 -10.83 -9.47
N ILE A 83 9.46 -9.84 -10.02
CA ILE A 83 9.69 -8.42 -9.79
C ILE A 83 9.32 -8.00 -8.36
N MET A 84 8.12 -8.34 -7.85
CA MET A 84 7.73 -8.00 -6.47
C MET A 84 8.61 -8.72 -5.42
N LYS A 85 9.11 -9.92 -5.73
CA LYS A 85 9.98 -10.66 -4.82
C LYS A 85 11.31 -9.92 -4.54
N ASP A 86 11.76 -9.06 -5.49
CA ASP A 86 12.97 -8.24 -5.31
C ASP A 86 12.74 -6.99 -4.45
N PHE A 87 11.48 -6.66 -4.17
CA PHE A 87 11.17 -5.51 -3.33
C PHE A 87 11.09 -5.96 -1.87
N SER A 88 12.01 -5.50 -1.04
CA SER A 88 12.03 -5.85 0.40
C SER A 88 12.44 -4.63 1.19
N HIS A 89 11.61 -4.21 2.15
CA HIS A 89 11.88 -3.04 2.96
C HIS A 89 10.95 -3.15 4.17
N PRO A 90 11.39 -2.75 5.36
CA PRO A 90 10.51 -2.84 6.56
C PRO A 90 9.17 -2.11 6.40
N ASN A 91 9.07 -1.13 5.47
CA ASN A 91 7.84 -0.34 5.29
C ASN A 91 7.15 -0.57 3.99
N VAL A 92 7.35 -1.75 3.43
CA VAL A 92 6.72 -2.18 2.19
C VAL A 92 6.25 -3.62 2.44
N LEU A 93 5.00 -3.91 2.08
CA LEU A 93 4.46 -5.26 2.27
C LEU A 93 5.23 -6.22 1.37
N SER A 94 5.83 -7.25 1.97
CA SER A 94 6.61 -8.19 1.17
C SER A 94 5.74 -9.30 0.54
N LEU A 95 6.20 -9.90 -0.55
CA LEU A 95 5.57 -11.04 -1.17
C LEU A 95 6.33 -12.23 -0.58
N LEU A 96 5.63 -13.14 0.13
CA LEU A 96 6.32 -14.33 0.68
C LEU A 96 6.60 -15.33 -0.43
N GLY A 97 5.70 -15.40 -1.38
CA GLY A 97 5.85 -16.25 -2.55
C GLY A 97 4.53 -16.49 -3.23
N ILE A 98 4.53 -17.39 -4.20
CA ILE A 98 3.35 -17.77 -4.97
C ILE A 98 3.25 -19.30 -5.04
N CYS A 99 2.02 -19.79 -5.22
CA CYS A 99 1.73 -21.23 -5.30
CA CYS A 99 1.74 -21.22 -5.33
C CYS A 99 1.08 -21.53 -6.66
N LEU A 100 1.67 -22.49 -7.39
CA LEU A 100 1.17 -22.89 -8.70
C LEU A 100 0.62 -24.30 -8.67
N GLY A 104 -6.46 -25.97 -9.63
CA GLY A 104 -6.70 -24.84 -8.73
C GLY A 104 -5.96 -23.57 -9.12
N SER A 105 -6.62 -22.40 -8.88
CA SER A 105 -6.16 -21.04 -9.15
C SER A 105 -4.77 -20.70 -8.53
N PRO A 106 -3.95 -19.78 -9.11
CA PRO A 106 -2.65 -19.46 -8.49
C PRO A 106 -2.84 -18.76 -7.14
N LEU A 107 -1.95 -19.01 -6.17
CA LEU A 107 -2.05 -18.35 -4.87
C LEU A 107 -0.98 -17.28 -4.68
N VAL A 108 -1.33 -16.18 -4.01
CA VAL A 108 -0.40 -15.13 -3.61
C VAL A 108 -0.31 -15.23 -2.08
N VAL A 109 0.90 -15.41 -1.57
CA VAL A 109 1.17 -15.53 -0.14
C VAL A 109 1.83 -14.23 0.37
N LEU A 110 1.19 -13.60 1.34
CA LEU A 110 1.64 -12.33 1.91
C LEU A 110 1.77 -12.46 3.44
N PRO A 111 2.58 -11.64 4.11
CA PRO A 111 2.62 -11.74 5.58
C PRO A 111 1.29 -11.33 6.18
N TYR A 112 1.02 -11.88 7.36
CA TYR A 112 -0.17 -11.54 8.11
C TYR A 112 0.05 -10.19 8.80
N MET A 113 -0.93 -9.32 8.66
CA MET A 113 -0.94 -7.98 9.19
C MET A 113 -2.01 -7.94 10.29
N LYS A 114 -1.59 -8.12 11.54
CA LYS A 114 -2.55 -8.18 12.66
C LYS A 114 -3.56 -7.03 12.69
N HIS A 115 -3.13 -5.80 12.60
CA HIS A 115 -4.05 -4.67 12.72
C HIS A 115 -4.69 -4.19 11.39
N GLY A 116 -4.64 -5.00 10.33
CA GLY A 116 -5.26 -4.70 9.04
C GLY A 116 -4.82 -3.38 8.43
N ASP A 117 -5.72 -2.69 7.73
CA ASP A 117 -5.36 -1.44 7.07
C ASP A 117 -5.23 -0.24 8.02
N LEU A 118 -4.25 0.64 7.74
CA LEU A 118 -3.98 1.86 8.50
C LEU A 118 -5.21 2.78 8.64
N ARG A 119 -6.02 2.94 7.58
CA ARG A 119 -7.20 3.82 7.72
C ARG A 119 -8.17 3.29 8.76
N ASN A 120 -8.53 1.98 8.69
CA ASN A 120 -9.46 1.41 9.63
C ASN A 120 -8.92 1.42 11.07
N PHE A 121 -7.60 1.17 11.23
CA PHE A 121 -6.99 1.21 12.56
C PHE A 121 -7.12 2.60 13.20
N ILE A 122 -6.81 3.70 12.46
CA ILE A 122 -6.88 5.06 13.02
C ILE A 122 -8.33 5.56 13.23
N ARG A 123 -9.31 5.01 12.49
CA ARG A 123 -10.71 5.40 12.57
C ARG A 123 -11.41 4.79 13.76
N ASN A 124 -10.96 3.59 14.19
CA ASN A 124 -11.50 2.83 15.31
C ASN A 124 -11.39 3.62 16.62
N GLU A 125 -12.58 4.04 17.14
CA GLU A 125 -12.79 4.81 18.37
C GLU A 125 -11.99 4.27 19.56
N THR A 126 -11.86 2.92 19.66
CA THR A 126 -11.13 2.22 20.73
C THR A 126 -9.64 2.54 20.74
N HIS A 127 -9.03 2.76 19.56
CA HIS A 127 -7.59 3.06 19.48
C HIS A 127 -7.35 4.53 19.74
N ASN A 128 -6.26 4.86 20.43
CA ASN A 128 -5.97 6.26 20.72
C ASN A 128 -4.51 6.63 20.40
N PRO A 129 -4.13 6.66 19.10
CA PRO A 129 -2.74 7.03 18.79
C PRO A 129 -2.53 8.49 19.09
N THR A 130 -1.34 8.83 19.60
CA THR A 130 -0.97 10.21 19.89
C THR A 130 -0.57 10.86 18.55
N VAL A 131 -0.41 12.18 18.55
CA VAL A 131 0.01 12.97 17.40
C VAL A 131 1.37 12.45 16.93
N LYS A 132 2.27 12.14 17.88
CA LYS A 132 3.60 11.60 17.60
C LYS A 132 3.45 10.22 16.93
N ASP A 133 2.54 9.36 17.43
CA ASP A 133 2.29 8.02 16.86
C ASP A 133 1.82 8.17 15.41
N LEU A 134 0.91 9.14 15.17
CA LEU A 134 0.37 9.42 13.84
C LEU A 134 1.44 9.87 12.89
N ILE A 135 2.34 10.80 13.33
CA ILE A 135 3.45 11.30 12.53
C ILE A 135 4.43 10.13 12.26
N GLY A 136 4.59 9.25 13.25
CA GLY A 136 5.44 8.07 13.14
C GLY A 136 4.96 7.18 11.99
N PHE A 137 3.64 6.98 11.87
CA PHE A 137 3.02 6.22 10.77
C PHE A 137 3.29 6.89 9.41
N GLY A 138 3.22 8.23 9.38
CA GLY A 138 3.52 9.02 8.19
C GLY A 138 4.95 8.86 7.76
N LEU A 139 5.85 8.92 8.75
CA LEU A 139 7.27 8.73 8.58
C LEU A 139 7.54 7.33 8.03
N GLN A 140 6.86 6.32 8.55
CA GLN A 140 7.02 4.94 8.08
C GLN A 140 6.60 4.81 6.63
N VAL A 141 5.48 5.43 6.27
CA VAL A 141 5.03 5.41 4.88
C VAL A 141 6.05 6.08 3.99
N ALA A 142 6.53 7.28 4.39
CA ALA A 142 7.54 8.04 3.66
C ALA A 142 8.79 7.19 3.37
N LYS A 143 9.24 6.41 4.35
CA LYS A 143 10.37 5.47 4.21
C LYS A 143 10.08 4.34 3.23
N GLY A 144 8.84 3.81 3.26
CA GLY A 144 8.42 2.79 2.31
C GLY A 144 8.41 3.37 0.92
N MET A 145 7.87 4.60 0.79
CA MET A 145 7.84 5.28 -0.51
C MET A 145 9.22 5.70 -1.03
N LYS A 146 10.13 6.07 -0.13
CA LYS A 146 11.50 6.47 -0.48
C LYS A 146 12.16 5.26 -1.14
N TYR A 147 11.95 4.08 -0.53
CA TYR A 147 12.48 2.85 -1.11
C TYR A 147 11.87 2.58 -2.47
N LEU A 148 10.52 2.60 -2.59
CA LEU A 148 9.91 2.38 -3.89
C LEU A 148 10.41 3.35 -4.96
N ALA A 149 10.46 4.65 -4.62
CA ALA A 149 10.95 5.70 -5.54
C ALA A 149 12.43 5.48 -5.93
N SER A 150 13.26 4.98 -4.98
CA SER A 150 14.69 4.66 -5.27
C SER A 150 14.79 3.58 -6.34
N LYS A 151 13.74 2.74 -6.47
CA LYS A 151 13.67 1.66 -7.46
C LYS A 151 12.90 2.09 -8.69
N LYS A 152 12.59 3.39 -8.80
CA LYS A 152 11.84 4.02 -9.90
C LYS A 152 10.46 3.41 -10.04
N PHE A 153 9.87 2.93 -8.91
CA PHE A 153 8.55 2.31 -8.93
C PHE A 153 7.50 3.36 -8.52
N VAL A 154 6.52 3.57 -9.39
CA VAL A 154 5.41 4.51 -9.16
C VAL A 154 4.23 3.71 -8.62
N HIS A 155 3.77 4.07 -7.41
CA HIS A 155 2.68 3.40 -6.74
C HIS A 155 1.33 3.60 -7.42
N ARG A 156 0.96 4.87 -7.71
CA ARG A 156 -0.30 5.29 -8.36
C ARG A 156 -1.54 5.21 -7.49
N ASP A 157 -1.49 4.55 -6.30
CA ASP A 157 -2.70 4.49 -5.47
C ASP A 157 -2.40 4.49 -3.97
N LEU A 158 -1.57 5.43 -3.54
CA LEU A 158 -1.19 5.60 -2.16
C LEU A 158 -2.35 6.34 -1.47
N ALA A 159 -2.78 5.81 -0.32
CA ALA A 159 -3.85 6.36 0.54
C ALA A 159 -3.74 5.52 1.77
N ALA A 160 -4.27 5.99 2.91
CA ALA A 160 -4.21 5.26 4.16
C ALA A 160 -4.89 3.87 4.10
N ARG A 161 -5.96 3.70 3.29
CA ARG A 161 -6.62 2.40 3.14
C ARG A 161 -5.65 1.36 2.52
N ASN A 162 -4.62 1.82 1.79
CA ASN A 162 -3.69 0.96 1.07
C ASN A 162 -2.39 0.67 1.78
N CYS A 163 -2.37 0.90 3.11
CA CYS A 163 -1.22 0.63 3.96
C CYS A 163 -1.72 -0.29 5.01
N MET A 164 -0.86 -1.22 5.43
CA MET A 164 -1.21 -2.23 6.44
C MET A 164 -0.41 -2.04 7.71
N LEU A 165 -0.91 -2.53 8.84
CA LEU A 165 -0.23 -2.42 10.14
C LEU A 165 -0.04 -3.81 10.72
N ASP A 166 1.20 -4.17 11.05
CA ASP A 166 1.47 -5.48 11.61
C ASP A 166 1.36 -5.45 13.14
N GLU A 167 1.68 -6.58 13.81
CA GLU A 167 1.59 -6.73 15.28
C GLU A 167 2.55 -5.80 16.03
N LYS A 168 3.65 -5.36 15.39
CA LYS A 168 4.62 -4.43 15.98
C LYS A 168 4.25 -2.98 15.64
N PHE A 169 3.10 -2.77 14.97
CA PHE A 169 2.62 -1.45 14.57
C PHE A 169 3.56 -0.86 13.52
N THR A 170 4.12 -1.73 12.69
CA THR A 170 4.97 -1.33 11.59
C THR A 170 4.07 -1.17 10.40
N VAL A 171 4.14 -0.01 9.76
CA VAL A 171 3.31 0.29 8.62
C VAL A 171 3.96 -0.27 7.36
N LYS A 172 3.18 -0.96 6.53
CA LYS A 172 3.64 -1.51 5.27
C LYS A 172 2.84 -0.88 4.13
N VAL A 173 3.54 -0.27 3.18
CA VAL A 173 2.89 0.23 1.97
C VAL A 173 2.45 -1.02 1.18
N ALA A 174 1.16 -1.09 0.86
CA ALA A 174 0.61 -2.26 0.15
C ALA A 174 -0.06 -1.80 -1.12
N ASP A 175 -0.99 -2.60 -1.67
CA ASP A 175 -1.76 -2.30 -2.87
C ASP A 175 -0.90 -2.05 -4.12
N PHE A 176 0.12 -2.85 -4.31
CA PHE A 176 0.93 -2.76 -5.52
C PHE A 176 1.41 -4.16 -5.88
N GLY A 177 1.84 -4.36 -7.13
CA GLY A 177 2.34 -5.63 -7.62
C GLY A 177 1.28 -6.70 -7.50
N LEU A 178 1.63 -7.86 -6.94
CA LEU A 178 0.66 -8.95 -6.72
C LEU A 178 -0.33 -8.69 -5.56
N ALA A 179 -0.04 -7.67 -4.75
CA ALA A 179 -0.93 -7.28 -3.64
C ALA A 179 -1.94 -6.19 -4.07
N ARG A 180 -2.06 -5.92 -5.39
CA ARG A 180 -2.99 -4.89 -5.90
C ARG A 180 -4.43 -5.42 -5.87
N ASP A 181 -5.45 -4.53 -6.06
CA ASP A 181 -6.90 -4.85 -6.04
C ASP A 181 -7.28 -5.51 -4.70
N MET A 182 -6.69 -4.96 -3.62
CA MET A 182 -6.82 -5.34 -2.22
C MET A 182 -8.26 -5.44 -1.77
N TYR A 183 -9.11 -4.51 -2.25
CA TYR A 183 -10.50 -4.40 -1.87
C TYR A 183 -11.48 -4.98 -2.90
N ASP A 184 -11.01 -5.86 -3.79
CA ASP A 184 -11.87 -6.48 -4.79
C ASP A 184 -12.75 -7.56 -4.17
N LYS A 185 -14.02 -7.20 -3.93
CA LYS A 185 -15.05 -8.06 -3.36
C LYS A 185 -15.95 -8.62 -4.47
N GLU A 186 -16.42 -9.87 -4.29
CA GLU A 186 -17.32 -10.54 -5.22
C GLU A 186 -18.75 -10.18 -4.84
N TYR A 187 -19.65 -10.03 -5.83
CA TYR A 187 -21.06 -9.72 -5.61
C TYR A 187 -21.97 -10.73 -6.34
N TYR A 188 -23.18 -10.97 -5.82
CA TYR A 188 -24.10 -11.93 -6.45
C TYR A 188 -25.04 -11.32 -7.47
N SER A 189 -25.34 -10.02 -7.29
CA SER A 189 -26.23 -9.27 -8.17
C SER A 189 -25.44 -8.22 -8.94
N LEU A 198 -10.94 5.03 -9.84
CA LEU A 198 -9.89 6.05 -9.87
C LEU A 198 -9.92 6.90 -8.58
N PRO A 199 -8.84 6.92 -7.75
CA PRO A 199 -8.87 7.69 -6.48
C PRO A 199 -8.58 9.17 -6.74
N VAL A 200 -9.54 9.84 -7.35
CA VAL A 200 -9.29 11.21 -7.80
C VAL A 200 -8.97 12.17 -6.64
N LYS A 201 -9.46 11.93 -5.41
CA LYS A 201 -9.19 12.83 -4.28
C LYS A 201 -7.75 12.70 -3.70
N TRP A 202 -6.98 11.72 -4.17
CA TRP A 202 -5.58 11.49 -3.77
C TRP A 202 -4.66 11.80 -4.96
N MET A 203 -5.23 12.04 -6.13
CA MET A 203 -4.45 12.27 -7.35
C MET A 203 -3.90 13.68 -7.53
N ALA A 204 -2.66 13.75 -8.02
CA ALA A 204 -2.01 15.02 -8.31
C ALA A 204 -2.79 15.69 -9.42
N LEU A 205 -2.82 17.02 -9.40
CA LEU A 205 -3.56 17.85 -10.35
C LEU A 205 -3.18 17.50 -11.79
N GLU A 206 -1.86 17.28 -12.09
CA GLU A 206 -1.44 16.89 -13.45
C GLU A 206 -1.91 15.47 -13.83
N SER A 207 -2.10 14.56 -12.84
CA SER A 207 -2.58 13.19 -13.08
C SER A 207 -4.07 13.23 -13.42
N LEU A 208 -4.81 14.17 -12.83
CA LEU A 208 -6.25 14.38 -13.12
C LEU A 208 -6.41 14.91 -14.55
N GLN A 209 -5.46 15.72 -15.01
CA GLN A 209 -5.47 16.35 -16.34
C GLN A 209 -4.88 15.50 -17.45
N THR A 210 -3.80 14.73 -17.18
CA THR A 210 -3.09 13.91 -18.20
C THR A 210 -3.23 12.38 -18.09
N GLN A 211 -3.73 11.84 -16.94
CA GLN A 211 -3.86 10.39 -16.70
C GLN A 211 -2.47 9.67 -16.57
N LYS A 212 -1.43 10.47 -16.38
CA LYS A 212 -0.06 9.96 -16.20
C LYS A 212 0.35 10.11 -14.72
N PHE A 213 1.20 9.18 -14.29
CA PHE A 213 1.65 9.12 -12.92
C PHE A 213 3.15 9.07 -12.84
N THR A 214 3.70 9.78 -11.85
CA THR A 214 5.14 9.83 -11.60
C THR A 214 5.33 9.72 -10.09
N THR A 215 6.58 9.66 -9.65
CA THR A 215 6.90 9.71 -8.22
C THR A 215 6.40 11.04 -7.66
N LYS A 216 6.43 12.12 -8.49
CA LYS A 216 5.92 13.43 -8.06
C LYS A 216 4.41 13.41 -7.86
N SER A 217 3.68 12.57 -8.60
CA SER A 217 2.26 12.42 -8.32
C SER A 217 2.05 11.57 -7.08
N ASP A 218 2.98 10.62 -6.79
CA ASP A 218 2.89 9.83 -5.53
C ASP A 218 3.14 10.73 -4.32
N VAL A 219 3.99 11.77 -4.46
CA VAL A 219 4.32 12.74 -3.39
C VAL A 219 3.00 13.51 -3.04
N TRP A 220 2.25 13.90 -4.06
CA TRP A 220 0.93 14.55 -3.86
C TRP A 220 0.04 13.63 -3.02
N SER A 221 -0.13 12.33 -3.43
CA SER A 221 -0.96 11.34 -2.72
C SER A 221 -0.46 11.13 -1.28
N PHE A 222 0.88 11.13 -1.08
CA PHE A 222 1.44 11.00 0.28
C PHE A 222 0.97 12.18 1.14
N GLY A 223 0.97 13.37 0.54
CA GLY A 223 0.46 14.58 1.20
C GLY A 223 -0.96 14.37 1.67
N VAL A 224 -1.81 13.77 0.82
CA VAL A 224 -3.22 13.46 1.21
C VAL A 224 -3.26 12.44 2.35
N LEU A 225 -2.49 11.33 2.24
CA LEU A 225 -2.40 10.30 3.27
C LEU A 225 -1.99 10.94 4.62
N LEU A 226 -1.00 11.88 4.62
CA LEU A 226 -0.57 12.60 5.83
C LEU A 226 -1.77 13.33 6.43
N TRP A 227 -2.57 14.00 5.58
CA TRP A 227 -3.78 14.69 6.03
C TRP A 227 -4.75 13.65 6.62
N GLU A 228 -4.90 12.45 5.95
CA GLU A 228 -5.76 11.39 6.51
C GLU A 228 -5.25 10.96 7.88
N LEU A 229 -3.91 10.80 8.04
CA LEU A 229 -3.36 10.40 9.33
C LEU A 229 -3.66 11.39 10.42
N MET A 230 -3.48 12.69 10.14
CA MET A 230 -3.68 13.74 11.13
C MET A 230 -5.15 13.98 11.51
N THR A 231 -6.13 13.57 10.67
CA THR A 231 -7.57 13.72 10.97
C THR A 231 -8.15 12.39 11.46
N ARG A 232 -7.28 11.40 11.64
CA ARG A 232 -7.66 10.05 12.05
C ARG A 232 -8.65 9.40 11.03
N GLY A 233 -8.31 9.52 9.76
CA GLY A 233 -9.04 8.91 8.66
C GLY A 233 -10.27 9.61 8.16
N ALA A 234 -10.34 10.95 8.27
CA ALA A 234 -11.49 11.69 7.75
C ALA A 234 -11.41 11.68 6.21
N PRO A 235 -12.56 11.68 5.50
CA PRO A 235 -12.48 11.74 4.01
C PRO A 235 -12.03 13.12 3.53
N PRO A 236 -11.09 13.15 2.57
CA PRO A 236 -10.66 14.45 2.03
C PRO A 236 -11.78 15.05 1.18
N TYR A 237 -11.86 16.41 1.10
CA TYR A 237 -12.85 17.20 0.33
C TYR A 237 -14.26 16.58 0.39
N PRO A 238 -14.87 16.39 1.59
CA PRO A 238 -16.18 15.73 1.64
C PRO A 238 -17.29 16.47 0.89
N ASP A 239 -17.17 17.82 0.79
CA ASP A 239 -18.18 18.66 0.11
C ASP A 239 -17.89 18.88 -1.38
N VAL A 240 -16.84 18.24 -1.93
CA VAL A 240 -16.47 18.46 -3.34
C VAL A 240 -16.61 17.16 -4.13
N ASN A 241 -17.39 17.18 -5.19
CA ASN A 241 -17.59 16.07 -6.13
C ASN A 241 -16.23 15.74 -6.78
N THR A 242 -16.00 14.46 -7.15
CA THR A 242 -14.80 14.02 -7.87
C THR A 242 -14.72 14.71 -9.24
N PHE A 243 -15.87 15.05 -9.84
CA PHE A 243 -15.83 15.77 -11.11
C PHE A 243 -15.25 17.19 -10.90
N ASP A 244 -15.61 17.83 -9.76
CA ASP A 244 -15.23 19.20 -9.41
C ASP A 244 -13.82 19.38 -8.80
N ILE A 245 -13.13 18.28 -8.48
CA ILE A 245 -11.82 18.33 -7.85
C ILE A 245 -10.82 19.10 -8.68
N THR A 246 -10.77 18.86 -10.01
CA THR A 246 -9.82 19.55 -10.89
C THR A 246 -9.93 21.08 -10.77
N VAL A 247 -11.13 21.62 -10.97
CA VAL A 247 -11.37 23.07 -10.92
C VAL A 247 -11.04 23.59 -9.53
N TYR A 248 -11.46 22.87 -8.49
CA TYR A 248 -11.18 23.23 -7.10
C TYR A 248 -9.65 23.37 -6.89
N LEU A 249 -8.85 22.40 -7.40
CA LEU A 249 -7.38 22.47 -7.27
C LEU A 249 -6.72 23.59 -8.12
N LEU A 250 -7.27 23.85 -9.33
CA LEU A 250 -6.77 24.89 -10.24
C LEU A 250 -6.98 26.28 -9.65
N GLN A 251 -8.00 26.44 -8.78
CA GLN A 251 -8.26 27.70 -8.09
C GLN A 251 -7.28 27.95 -6.93
N GLY A 252 -6.44 26.96 -6.64
CA GLY A 252 -5.45 27.02 -5.57
C GLY A 252 -5.99 26.64 -4.21
N ARG A 253 -7.15 26.02 -4.16
CA ARG A 253 -7.76 25.51 -2.92
C ARG A 253 -7.11 24.16 -2.58
N ARG A 254 -6.87 23.94 -1.30
CA ARG A 254 -6.21 22.75 -0.82
C ARG A 254 -6.88 22.33 0.50
N LEU A 255 -6.66 21.08 0.91
CA LEU A 255 -7.16 20.58 2.19
C LEU A 255 -6.64 21.49 3.31
N LEU A 256 -7.50 21.83 4.25
CA LEU A 256 -7.19 22.72 5.38
C LEU A 256 -6.44 22.00 6.47
N GLN A 257 -5.64 22.75 7.23
CA GLN A 257 -4.88 22.25 8.37
C GLN A 257 -5.76 21.52 9.40
N PRO A 258 -5.55 20.20 9.62
CA PRO A 258 -6.30 19.49 10.65
C PRO A 258 -5.98 20.11 12.01
N GLU A 259 -6.99 20.14 12.88
CA GLU A 259 -6.97 20.69 14.24
C GLU A 259 -5.69 20.36 15.03
N TYR A 260 -5.34 19.06 15.14
CA TYR A 260 -4.19 18.62 15.93
C TYR A 260 -2.91 18.39 15.10
N CYS A 261 -2.82 19.03 13.93
CA CYS A 261 -1.64 18.89 13.08
C CYS A 261 -0.62 20.01 13.33
N PRO A 262 0.66 19.67 13.65
CA PRO A 262 1.68 20.71 13.84
C PRO A 262 1.92 21.53 12.57
N ASP A 263 2.18 22.84 12.72
CA ASP A 263 2.41 23.78 11.61
C ASP A 263 3.53 23.38 10.66
N PRO A 264 4.71 22.86 11.14
CA PRO A 264 5.74 22.45 10.17
C PRO A 264 5.29 21.26 9.32
N LEU A 265 4.47 20.35 9.89
CA LEU A 265 3.94 19.20 9.16
C LEU A 265 2.90 19.60 8.11
N TYR A 266 2.07 20.61 8.43
CA TYR A 266 1.12 21.12 7.44
C TYR A 266 1.88 21.79 6.28
N GLU A 267 3.03 22.42 6.56
CA GLU A 267 3.87 23.03 5.52
C GLU A 267 4.42 21.95 4.59
N VAL A 268 4.71 20.76 5.16
CA VAL A 268 5.17 19.59 4.43
C VAL A 268 4.00 19.12 3.54
N MET A 269 2.78 18.98 4.09
CA MET A 269 1.62 18.58 3.28
C MET A 269 1.43 19.54 2.08
N LEU A 270 1.51 20.89 2.34
CA LEU A 270 1.33 21.92 1.32
C LEU A 270 2.32 21.84 0.21
N LYS A 271 3.62 21.56 0.51
CA LYS A 271 4.66 21.44 -0.52
C LYS A 271 4.35 20.24 -1.40
N CYS A 272 3.79 19.18 -0.81
CA CYS A 272 3.32 17.99 -1.55
C CYS A 272 2.25 18.35 -2.59
N TRP A 273 1.45 19.38 -2.34
CA TRP A 273 0.36 19.75 -3.25
C TRP A 273 0.68 20.96 -4.12
N HIS A 274 1.97 21.21 -4.33
CA HIS A 274 2.39 22.29 -5.20
C HIS A 274 1.99 21.94 -6.65
N PRO A 275 1.37 22.90 -7.40
CA PRO A 275 0.97 22.61 -8.80
C PRO A 275 2.11 22.23 -9.76
N LYS A 276 3.34 22.60 -9.43
CA LYS A 276 4.50 22.30 -10.28
C LYS A 276 5.18 21.06 -9.73
N ALA A 277 5.01 19.93 -10.41
CA ALA A 277 5.57 18.63 -9.98
C ALA A 277 7.01 18.72 -9.49
N GLU A 278 7.90 19.37 -10.26
CA GLU A 278 9.32 19.58 -9.93
C GLU A 278 9.55 20.33 -8.61
N MET A 279 8.56 21.13 -8.14
CA MET A 279 8.63 21.92 -6.90
C MET A 279 8.27 21.15 -5.62
N ARG A 280 7.72 19.94 -5.77
CA ARG A 280 7.32 19.13 -4.62
C ARG A 280 8.55 18.45 -4.03
N PRO A 281 8.55 18.16 -2.72
CA PRO A 281 9.68 17.39 -2.16
C PRO A 281 9.80 16.01 -2.80
N SER A 282 10.99 15.43 -2.73
CA SER A 282 11.26 14.06 -3.13
C SER A 282 10.90 13.26 -1.87
N PHE A 283 10.70 11.92 -1.98
CA PHE A 283 10.42 11.13 -0.79
C PHE A 283 11.62 11.14 0.17
N SER A 284 12.85 11.25 -0.39
CA SER A 284 14.06 11.35 0.46
C SER A 284 13.97 12.61 1.36
N GLU A 285 13.58 13.75 0.75
CA GLU A 285 13.37 15.03 1.45
C GLU A 285 12.25 14.92 2.50
N LEU A 286 11.15 14.22 2.16
CA LEU A 286 10.03 14.02 3.09
C LEU A 286 10.44 13.20 4.31
N VAL A 287 11.23 12.14 4.09
CA VAL A 287 11.76 11.32 5.20
C VAL A 287 12.59 12.25 6.11
N SER A 288 13.53 13.04 5.51
CA SER A 288 14.38 13.98 6.26
C SER A 288 13.52 14.96 7.07
N ARG A 289 12.56 15.62 6.42
CA ARG A 289 11.71 16.61 7.10
C ARG A 289 10.79 16.02 8.16
N ILE A 290 10.16 14.85 7.89
CA ILE A 290 9.25 14.26 8.87
C ILE A 290 10.00 13.68 10.05
N SER A 291 11.16 13.02 9.84
CA SER A 291 11.89 12.49 11.00
C SER A 291 12.33 13.64 11.91
N ALA A 292 12.81 14.76 11.29
CA ALA A 292 13.19 15.98 12.05
C ALA A 292 12.02 16.49 12.86
N ILE A 293 10.78 16.54 12.28
CA ILE A 293 9.55 16.95 13.01
C ILE A 293 9.21 15.92 14.09
N PHE A 294 9.18 14.60 13.75
CA PHE A 294 8.87 13.50 14.70
C PHE A 294 9.77 13.58 15.94
N SER A 295 11.08 13.82 15.73
CA SER A 295 12.09 13.94 16.78
C SER A 295 11.88 15.13 17.76
N THR A 296 10.95 16.09 17.47
CA THR A 296 10.65 17.22 18.38
C THR A 296 9.52 16.91 19.37
N PHE A 297 9.11 15.63 19.44
CA PHE A 297 8.01 15.16 20.30
C PHE A 297 8.52 14.15 21.33
N ILE A 298 8.11 14.32 22.60
CA ILE A 298 8.50 13.41 23.69
C ILE A 298 7.56 12.18 23.68
N GLY A 299 8.18 10.99 23.56
CA GLY A 299 7.47 9.72 23.56
C1 SWK B . -4.55 -8.84 -0.92
C2 SWK B . -3.49 -8.08 -1.40
C3 SWK B . -2.82 -7.21 -0.55
C7 SWK B . -3.83 -8.44 3.72
C8 SWK B . -2.62 -9.06 3.54
C9 SWK B . -3.14 -9.37 5.68
C10 SWK B . -4.14 -9.39 7.70
C11 SWK B . -5.23 -8.66 7.23
C12 SWK B . -5.25 -8.28 5.89
C13 SWK B . -4.18 -8.64 5.09
C14 SWK B . -6.35 -8.28 8.11
C15 SWK B . -7.65 -7.86 7.76
C16 SWK B . -6.34 -8.24 9.48
C19 SWK B . -8.77 -5.99 12.99
C20 SWK B . -9.37 -8.33 13.24
C21 SWK B . -9.00 -8.64 11.79
F SWK B . -5.93 -9.45 0.85
C SWK B . -4.91 -8.71 0.39
C5 SWK B . -4.27 -7.85 1.28
C4 SWK B . -3.21 -7.10 0.77
C6 SWK B . -4.68 -7.69 2.72
N SWK B . -2.20 -9.62 4.72
N1 SWK B . -3.08 -9.76 6.95
N3 SWK B . -7.55 -7.82 9.88
N2 SWK B . -8.38 -7.59 8.83
C17 SWK B . -7.97 -7.64 11.28
N4 SWK B . -9.83 -6.94 13.37
C18 SWK B . -8.39 -6.19 11.53
#